data_5AZT
#
_entry.id   5AZT
#
_cell.length_a   59.460
_cell.length_b   59.460
_cell.length_c   317.940
_cell.angle_alpha   90.00
_cell.angle_beta   90.00
_cell.angle_gamma   90.00
#
_symmetry.space_group_name_H-M   'P 41 21 2'
#
loop_
_entity.id
_entity.type
_entity.pdbx_description
1 polymer 'Peroxisome proliferator-activated receptor alpha'
2 polymer '15-meric peptide from Nuclear receptor coactivator 1'
3 non-polymer '(4~{Z},7~{Z},10~{Z},13~{Z},19~{Z})-17-oxidanylidenedocosa-4,7,10,13,19-pentaenoic acid'
4 water water
#
loop_
_entity_poly.entity_id
_entity_poly.type
_entity_poly.pdbx_seq_one_letter_code
_entity_poly.pdbx_strand_id
1 'polypeptide(L)'
;GADLKSLAKRIYEAYLKNFNMNKVKARVILSGKASNNPPFVIHDMETLCMAEKTLVAKLVANGIQNKEAEVRIFHCCQCT
SVETVTELTEFAKAIPGFANLDLNDQVTLLKYGVYEAIFAMLSSVMNKDGMLVAYGNGFITREFLKSLRKPFCDIMEPKF
DFAMKFNALELDDSDISLFVAAIICCGDRPGLLNVGHIEKMQEGIVHVLRLHLQSNHPDDIFLLPKLLQKMADLRQLVTE
HAQLVQIIKKTESDAALHPLLQEIYRDMY
;
A,B
2 'polypeptide(L)' LTERHKILHRLLQEG C
#
# COMPACT_ATOMS: atom_id res chain seq x y z
N LYS A 5 -1.61 41.44 -5.91
CA LYS A 5 -3.07 41.31 -5.61
C LYS A 5 -3.71 40.13 -6.34
N SER A 6 -3.32 39.96 -7.60
CA SER A 6 -3.70 38.80 -8.41
C SER A 6 -3.17 37.50 -7.81
N LEU A 7 -1.91 37.53 -7.36
CA LEU A 7 -1.28 36.32 -6.82
C LEU A 7 -2.12 35.73 -5.68
N ALA A 8 -2.53 36.57 -4.75
CA ALA A 8 -3.23 36.10 -3.54
C ALA A 8 -4.54 35.38 -3.82
N LYS A 9 -5.37 35.97 -4.69
CA LYS A 9 -6.67 35.38 -5.03
C LYS A 9 -6.48 34.05 -5.75
N ARG A 10 -5.50 34.02 -6.64
CA ARG A 10 -5.15 32.83 -7.42
C ARG A 10 -4.80 31.66 -6.53
N ILE A 11 -4.11 31.93 -5.42
CA ILE A 11 -3.81 30.90 -4.43
C ILE A 11 -5.08 30.48 -3.71
N TYR A 12 -5.91 31.46 -3.35
CA TYR A 12 -7.17 31.15 -2.69
C TYR A 12 -8.05 30.29 -3.57
N GLU A 13 -8.16 30.68 -4.84
CA GLU A 13 -8.96 29.92 -5.80
C GLU A 13 -8.40 28.53 -6.06
N ALA A 14 -7.08 28.43 -6.14
CA ALA A 14 -6.41 27.14 -6.33
C ALA A 14 -6.60 26.21 -5.15
N TYR A 15 -6.47 26.79 -3.96
CA TYR A 15 -6.67 26.10 -2.70
C TYR A 15 -8.09 25.58 -2.57
N LEU A 16 -9.06 26.40 -2.93
CA LEU A 16 -10.47 26.02 -2.76
C LEU A 16 -10.83 24.78 -3.55
N LYS A 17 -10.44 24.73 -4.81
CA LYS A 17 -10.72 23.57 -5.68
C LYS A 17 -10.04 22.29 -5.21
N ASN A 18 -8.77 22.41 -4.85
CA ASN A 18 -7.93 21.26 -4.52
C ASN A 18 -8.28 20.51 -3.26
N PHE A 19 -8.73 21.23 -2.23
CA PHE A 19 -9.00 20.60 -0.93
C PHE A 19 -10.48 20.41 -0.67
N ASN A 20 -10.84 19.17 -0.40
CA ASN A 20 -12.20 18.83 -0.02
C ASN A 20 -12.60 19.50 1.28
N MET A 21 -11.66 19.57 2.22
CA MET A 21 -11.94 20.11 3.56
C MET A 21 -11.38 21.52 3.76
N ASN A 22 -12.27 22.43 4.14
CA ASN A 22 -11.94 23.83 4.38
C ASN A 22 -12.45 24.21 5.76
N LYS A 23 -11.96 25.33 6.28
CA LYS A 23 -12.22 25.72 7.66
C LYS A 23 -13.69 25.96 7.94
N VAL A 24 -14.38 26.63 7.02
CA VAL A 24 -15.79 26.95 7.22
C VAL A 24 -16.64 25.69 7.41
N LYS A 25 -16.38 24.70 6.55
CA LYS A 25 -17.13 23.45 6.59
C LYS A 25 -16.91 22.66 7.89
N ALA A 26 -15.65 22.59 8.32
CA ALA A 26 -15.31 21.87 9.55
C ALA A 26 -15.97 22.52 10.77
N ARG A 27 -15.85 23.83 10.84
CA ARG A 27 -16.46 24.61 11.92
C ARG A 27 -17.98 24.56 11.88
N VAL A 28 -18.54 24.65 10.68
CA VAL A 28 -19.98 24.64 10.47
C VAL A 28 -20.62 23.33 10.91
N ILE A 29 -20.06 22.22 10.47
CA ILE A 29 -20.60 20.91 10.81
C ILE A 29 -20.56 20.73 12.33
N LEU A 30 -19.44 21.12 12.93
CA LEU A 30 -19.24 20.99 14.37
C LEU A 30 -20.18 21.92 15.12
N SER A 35 -27.31 19.12 7.75
CA SER A 35 -26.97 18.94 9.16
C SER A 35 -28.01 18.13 9.93
N ASN A 36 -28.55 17.10 9.29
CA ASN A 36 -29.56 16.24 9.90
C ASN A 36 -29.01 15.51 11.11
N ASN A 37 -27.81 14.94 10.94
CA ASN A 37 -27.12 14.23 12.01
C ASN A 37 -25.69 14.72 12.21
N PRO A 38 -25.27 14.87 13.47
CA PRO A 38 -23.90 15.30 13.78
C PRO A 38 -22.91 14.21 13.39
N PRO A 39 -21.64 14.60 13.09
CA PRO A 39 -20.75 13.52 12.70
C PRO A 39 -20.60 12.49 13.80
N PHE A 40 -20.74 11.22 13.44
CA PHE A 40 -20.64 10.07 14.34
C PHE A 40 -19.29 10.16 15.01
N VAL A 41 -19.28 10.01 16.32
CA VAL A 41 -18.08 10.21 17.12
C VAL A 41 -17.61 8.84 17.54
N ILE A 42 -16.29 8.65 17.56
CA ILE A 42 -15.69 7.46 18.12
C ILE A 42 -14.89 7.82 19.36
N HIS A 43 -15.42 7.45 20.51
CA HIS A 43 -14.73 7.64 21.78
C HIS A 43 -14.20 6.34 22.35
N ASP A 44 -14.35 5.24 21.62
CA ASP A 44 -14.06 3.93 22.15
C ASP A 44 -13.71 2.97 21.04
N MET A 45 -12.99 1.92 21.43
CA MET A 45 -12.70 0.79 20.55
C MET A 45 -13.95 0.15 19.93
N GLU A 46 -14.93 -0.14 20.78
CA GLU A 46 -16.24 -0.65 20.36
C GLU A 46 -16.80 0.27 19.28
N THR A 47 -16.84 1.56 19.61
CA THR A 47 -17.35 2.60 18.69
C THR A 47 -16.56 2.67 17.36
N LEU A 48 -15.26 2.43 17.47
CA LEU A 48 -14.38 2.45 16.30
C LEU A 48 -14.67 1.29 15.39
N CYS A 49 -14.91 0.12 15.96
CA CYS A 49 -15.21 -1.09 15.18
C CYS A 49 -16.50 -0.94 14.41
N MET A 50 -17.51 -0.40 15.07
CA MET A 50 -18.79 -0.11 14.43
C MET A 50 -18.63 0.96 13.35
N ALA A 51 -17.91 2.04 13.69
CA ALA A 51 -17.58 3.10 12.74
C ALA A 51 -16.78 2.52 11.57
N GLU A 52 -15.83 1.66 11.87
CA GLU A 52 -15.00 0.97 10.86
C GLU A 52 -15.82 0.11 9.93
N LYS A 53 -16.85 -0.51 10.49
CA LYS A 53 -17.75 -1.40 9.74
C LYS A 53 -18.65 -0.75 8.70
N THR A 54 -18.95 0.53 8.89
CA THR A 54 -20.02 1.18 8.16
C THR A 54 -19.67 1.46 6.72
N LEU A 55 -20.73 1.67 5.93
CA LEU A 55 -20.64 1.65 4.48
C LEU A 55 -19.68 2.67 3.91
N VAL A 56 -19.68 3.85 4.52
CA VAL A 56 -18.83 4.95 4.06
C VAL A 56 -17.37 4.55 4.26
N ALA A 57 -17.06 4.12 5.47
CA ALA A 57 -15.71 3.72 5.85
C ALA A 57 -15.20 2.61 4.96
N LYS A 58 -16.03 1.59 4.77
CA LYS A 58 -15.68 0.46 3.94
C LYS A 58 -15.38 0.90 2.52
N LEU A 59 -16.20 1.80 2.02
CA LEU A 59 -15.99 2.36 0.70
C LEU A 59 -14.65 3.10 0.57
N VAL A 60 -14.33 3.92 1.55
CA VAL A 60 -13.23 4.91 1.43
C VAL A 60 -11.90 4.59 2.15
N ALA A 61 -11.77 3.45 2.80
CA ALA A 61 -10.52 3.14 3.53
C ALA A 61 -9.58 2.20 2.76
N ASN A 62 -10.04 1.72 1.61
CA ASN A 62 -9.34 0.69 0.84
C ASN A 62 -9.66 -0.73 1.37
N GLY A 63 -10.63 -0.80 2.28
CA GLY A 63 -11.05 -2.08 2.86
C GLY A 63 -9.99 -2.75 3.73
N ILE A 64 -9.37 -1.96 4.60
CA ILE A 64 -8.34 -2.48 5.50
C ILE A 64 -8.91 -3.52 6.47
N GLN A 65 -8.11 -4.55 6.74
CA GLN A 65 -8.51 -5.67 7.54
C GLN A 65 -7.44 -5.95 8.69
N ASN A 66 -6.61 -5.00 9.17
CA ASN A 66 -5.37 -5.38 9.95
C ASN A 66 -5.42 -6.23 11.24
N LYS A 67 -6.49 -6.09 12.01
CA LYS A 67 -6.65 -6.82 13.29
C LYS A 67 -6.00 -6.14 14.51
N GLU A 68 -5.35 -5.00 14.28
CA GLU A 68 -4.86 -4.15 15.36
C GLU A 68 -5.50 -2.78 15.27
N ALA A 69 -6.16 -2.35 16.35
CA ALA A 69 -6.82 -1.06 16.37
C ALA A 69 -5.81 0.06 16.13
N GLU A 70 -4.66 -0.06 16.77
CA GLU A 70 -3.61 0.91 16.64
C GLU A 70 -3.01 0.81 15.24
N VAL A 71 -2.85 -0.42 14.75
CA VAL A 71 -2.31 -0.63 13.40
C VAL A 71 -3.27 -0.12 12.31
N ARG A 72 -4.55 -0.37 12.48
CA ARG A 72 -5.57 0.09 11.53
C ARG A 72 -5.66 1.61 11.49
N ILE A 73 -5.56 2.25 12.64
CA ILE A 73 -5.59 3.72 12.69
C ILE A 73 -4.40 4.31 11.94
N PHE A 74 -3.22 3.73 12.14
CA PHE A 74 -2.01 4.20 11.48
C PHE A 74 -2.08 4.03 9.98
N HIS A 75 -2.64 2.91 9.53
CA HIS A 75 -2.91 2.68 8.10
C HIS A 75 -4.04 3.56 7.60
N CYS A 76 -5.06 3.75 8.43
CA CYS A 76 -6.18 4.60 8.06
C CYS A 76 -5.74 6.06 7.93
N CYS A 77 -4.92 6.51 8.88
CA CYS A 77 -4.21 7.80 8.81
C CYS A 77 -3.55 8.09 7.45
N GLN A 78 -2.94 7.06 6.89
CA GLN A 78 -2.21 7.16 5.64
C GLN A 78 -3.06 7.58 4.44
N CYS A 79 -4.30 7.11 4.37
CA CYS A 79 -5.18 7.53 3.27
C CYS A 79 -5.26 9.04 3.27
N THR A 80 -5.45 9.64 4.45
CA THR A 80 -5.43 11.11 4.51
C THR A 80 -4.13 11.72 3.99
N SER A 81 -2.96 11.24 4.46
CA SER A 81 -1.68 11.78 3.98
C SER A 81 -1.57 11.69 2.45
N VAL A 82 -1.76 10.51 1.87
CA VAL A 82 -1.62 10.34 0.42
C VAL A 82 -2.57 11.32 -0.28
N GLU A 83 -3.81 11.36 0.21
CA GLU A 83 -4.83 12.22 -0.34
C GLU A 83 -4.41 13.68 -0.25
N THR A 84 -3.83 14.06 0.89
CA THR A 84 -3.39 15.44 1.07
C THR A 84 -2.17 15.77 0.22
N VAL A 85 -1.23 14.85 0.15
CA VAL A 85 0.02 15.05 -0.58
C VAL A 85 -0.24 15.21 -2.07
N THR A 86 -1.16 14.41 -2.58
CA THR A 86 -1.56 14.50 -3.97
C THR A 86 -2.16 15.85 -4.25
N GLU A 87 -3.04 16.32 -3.36
CA GLU A 87 -3.64 17.65 -3.45
C GLU A 87 -2.60 18.78 -3.34
N LEU A 88 -1.60 18.60 -2.47
CA LEU A 88 -0.54 19.60 -2.27
C LEU A 88 0.30 19.87 -3.50
N THR A 89 0.58 18.82 -4.27
CA THR A 89 1.34 18.96 -5.51
C THR A 89 0.57 19.83 -6.51
N GLU A 90 -0.74 19.60 -6.59
CA GLU A 90 -1.61 20.39 -7.44
C GLU A 90 -1.66 21.85 -6.99
N PHE A 91 -1.71 22.08 -5.68
CA PHE A 91 -1.74 23.42 -5.13
C PHE A 91 -0.48 24.11 -5.50
N ALA A 92 0.63 23.40 -5.36
CA ALA A 92 1.93 23.95 -5.66
C ALA A 92 1.99 24.39 -7.11
N LYS A 93 1.42 23.58 -8.00
CA LYS A 93 1.40 23.91 -9.43
C LYS A 93 0.66 25.20 -9.71
N ALA A 94 -0.44 25.42 -9.00
CA ALA A 94 -1.25 26.62 -9.15
C ALA A 94 -0.51 27.89 -8.74
N ILE A 95 0.34 27.76 -7.73
CA ILE A 95 1.11 28.90 -7.26
C ILE A 95 1.93 29.47 -8.40
N PRO A 96 1.87 30.80 -8.61
CA PRO A 96 2.65 31.31 -9.74
C PRO A 96 4.16 31.07 -9.59
N GLY A 97 4.77 30.69 -10.70
CA GLY A 97 6.22 30.54 -10.79
C GLY A 97 6.81 29.28 -10.22
N PHE A 98 5.96 28.41 -9.66
CA PHE A 98 6.34 27.09 -9.16
C PHE A 98 6.57 26.11 -10.29
N ALA A 99 5.76 26.24 -11.33
CA ALA A 99 5.88 25.39 -12.52
C ALA A 99 7.27 25.48 -13.12
N ASN A 100 7.83 26.68 -13.10
CA ASN A 100 9.18 26.95 -13.59
C ASN A 100 10.26 26.12 -12.93
N LEU A 101 10.13 25.93 -11.62
CA LEU A 101 11.20 25.30 -10.87
C LEU A 101 11.53 23.93 -11.43
N ASP A 102 12.80 23.58 -11.30
CA ASP A 102 13.33 22.33 -11.80
C ASP A 102 12.80 21.17 -10.99
N LEU A 103 12.74 20.00 -11.61
CA LEU A 103 12.12 18.84 -10.99
C LEU A 103 12.73 18.54 -9.61
N ASN A 104 14.05 18.68 -9.49
CA ASN A 104 14.71 18.53 -8.21
C ASN A 104 14.16 19.57 -7.21
N ASP A 105 13.96 20.80 -7.67
CA ASP A 105 13.37 21.83 -6.81
C ASP A 105 11.92 21.51 -6.43
N GLN A 106 11.12 21.11 -7.41
CA GLN A 106 9.70 20.86 -7.16
C GLN A 106 9.52 19.69 -6.23
N VAL A 107 10.24 18.61 -6.51
CA VAL A 107 10.13 17.39 -5.71
C VAL A 107 10.68 17.59 -4.30
N THR A 108 11.82 18.27 -4.21
CA THR A 108 12.47 18.50 -2.91
C THR A 108 11.59 19.34 -2.00
N LEU A 109 10.98 20.38 -2.56
CA LEU A 109 10.10 21.25 -1.80
C LEU A 109 8.89 20.49 -1.29
N LEU A 110 8.36 19.63 -2.15
CA LEU A 110 7.22 18.79 -1.81
C LEU A 110 7.53 17.77 -0.71
N LYS A 111 8.69 17.14 -0.77
CA LYS A 111 9.03 16.10 0.19
C LYS A 111 9.13 16.65 1.62
N TYR A 112 9.76 17.80 1.76
CA TYR A 112 9.81 18.53 3.03
C TYR A 112 8.46 19.17 3.31
N GLY A 113 7.88 19.76 2.27
CA GLY A 113 6.65 20.54 2.35
C GLY A 113 5.35 19.86 2.70
N VAL A 114 5.13 18.68 2.12
CA VAL A 114 3.81 18.10 2.20
C VAL A 114 3.40 17.90 3.65
N TYR A 115 4.28 17.35 4.48
CA TYR A 115 3.95 17.18 5.89
C TYR A 115 3.88 18.46 6.69
N GLU A 116 4.71 19.45 6.37
CA GLU A 116 4.56 20.74 7.05
C GLU A 116 3.20 21.38 6.72
N ALA A 117 2.82 21.34 5.45
CA ALA A 117 1.58 21.95 5.02
C ALA A 117 0.38 21.31 5.69
N ILE A 118 0.40 19.98 5.78
CA ILE A 118 -0.70 19.22 6.38
C ILE A 118 -0.93 19.60 7.82
N PHE A 119 0.14 19.73 8.60
CA PHE A 119 -0.04 20.00 10.02
C PHE A 119 -0.75 21.32 10.29
N ALA A 120 -0.39 22.37 9.57
CA ALA A 120 -1.10 23.64 9.65
C ALA A 120 -2.52 23.49 9.12
N MET A 121 -2.63 22.80 7.98
CA MET A 121 -3.93 22.55 7.35
C MET A 121 -4.85 21.66 8.16
N LEU A 122 -4.26 20.70 8.88
CA LEU A 122 -4.99 19.71 9.68
C LEU A 122 -5.80 20.36 10.80
N SER A 123 -5.33 21.51 11.25
CA SER A 123 -5.90 22.21 12.38
C SER A 123 -7.39 22.54 12.26
N SER A 124 -7.83 22.91 11.06
CA SER A 124 -9.20 23.38 10.85
C SER A 124 -10.26 22.34 11.24
N VAL A 125 -10.02 21.09 10.89
CA VAL A 125 -10.88 19.97 11.32
C VAL A 125 -10.67 19.61 12.79
N MET A 126 -9.49 19.93 13.29
CA MET A 126 -9.11 19.64 14.66
C MET A 126 -9.87 20.51 15.66
N ASN A 127 -10.15 19.89 16.80
CA ASN A 127 -10.79 20.53 17.94
C ASN A 127 -10.16 19.96 19.21
N LYS A 128 -10.21 20.71 20.30
CA LYS A 128 -9.66 20.23 21.58
C LYS A 128 -10.29 18.89 21.98
N ASP A 129 -11.60 18.77 21.77
CA ASP A 129 -12.33 17.51 21.98
C ASP A 129 -12.00 16.38 20.98
N GLY A 130 -11.86 16.71 19.70
CA GLY A 130 -11.57 15.71 18.67
C GLY A 130 -11.18 16.23 17.30
N MET A 131 -10.90 15.32 16.38
CA MET A 131 -10.53 15.69 15.01
C MET A 131 -11.49 15.03 14.02
N LEU A 132 -11.89 15.76 12.97
CA LEU A 132 -12.81 15.20 11.96
C LEU A 132 -12.19 14.18 11.06
N VAL A 133 -13.00 13.22 10.64
CA VAL A 133 -12.52 12.06 9.86
C VAL A 133 -13.52 11.73 8.76
N ALA A 134 -13.01 11.13 7.69
CA ALA A 134 -13.83 10.66 6.58
C ALA A 134 -14.59 11.82 5.97
N TYR A 135 -13.88 12.91 5.67
CA TYR A 135 -14.49 14.10 5.05
C TYR A 135 -15.57 14.71 5.96
N GLY A 136 -15.33 14.63 7.26
CA GLY A 136 -16.29 15.08 8.27
C GLY A 136 -17.38 14.10 8.65
N ASN A 137 -17.37 12.91 8.07
CA ASN A 137 -18.35 11.88 8.40
C ASN A 137 -18.22 11.35 9.80
N GLY A 138 -16.99 11.41 10.32
CA GLY A 138 -16.73 10.92 11.65
C GLY A 138 -15.83 11.80 12.50
N PHE A 139 -16.02 11.68 13.80
CA PHE A 139 -15.27 12.41 14.79
C PHE A 139 -14.55 11.38 15.63
N ILE A 140 -13.28 11.62 15.91
CA ILE A 140 -12.49 10.74 16.76
C ILE A 140 -12.02 11.54 17.97
N THR A 141 -12.20 10.98 19.15
CA THR A 141 -11.79 11.66 20.38
C THR A 141 -10.27 11.77 20.48
N ARG A 142 -9.81 12.94 20.93
CA ARG A 142 -8.39 13.17 21.19
C ARG A 142 -7.88 12.28 22.31
N GLU A 143 -8.68 12.16 23.36
CA GLU A 143 -8.44 11.21 24.44
C GLU A 143 -8.22 9.79 23.94
N PHE A 144 -9.13 9.33 23.07
CA PHE A 144 -9.04 7.98 22.51
C PHE A 144 -7.76 7.79 21.69
N LEU A 145 -7.45 8.77 20.84
CA LEU A 145 -6.20 8.76 20.10
C LEU A 145 -5.01 8.66 21.07
N LYS A 146 -5.05 9.43 22.14
CA LYS A 146 -3.98 9.42 23.15
C LYS A 146 -3.87 8.12 23.97
N SER A 147 -4.96 7.37 24.04
CA SER A 147 -5.00 6.12 24.81
C SER A 147 -4.28 4.95 24.17
N LEU A 148 -4.13 4.98 22.85
CA LEU A 148 -3.58 3.89 22.09
C LEU A 148 -2.13 3.55 22.48
N ARG A 149 -1.82 2.25 22.49
CA ARG A 149 -0.57 1.77 23.08
C ARG A 149 0.64 2.34 22.35
N LYS A 150 1.69 2.62 23.12
CA LYS A 150 2.89 3.22 22.54
C LYS A 150 3.50 2.32 21.44
N PRO A 151 4.03 2.93 20.38
CA PRO A 151 4.17 4.38 20.32
C PRO A 151 3.06 5.11 19.55
N PHE A 152 1.95 4.43 19.29
CA PHE A 152 0.88 4.98 18.43
C PHE A 152 0.21 6.25 18.95
N CYS A 153 0.13 6.41 20.27
CA CYS A 153 -0.46 7.59 20.90
C CYS A 153 0.28 8.89 20.61
N ASP A 154 1.61 8.79 20.51
CA ASP A 154 2.50 9.95 20.44
C ASP A 154 2.29 10.83 19.22
N ILE A 155 1.92 10.23 18.10
CA ILE A 155 1.82 10.98 16.85
C ILE A 155 0.76 12.07 16.87
N MET A 156 -0.41 11.79 17.44
CA MET A 156 -1.54 12.73 17.38
C MET A 156 -1.46 13.97 18.28
N GLU A 157 -0.94 13.80 19.49
CA GLU A 157 -1.02 14.81 20.54
C GLU A 157 -0.30 16.15 20.32
N PRO A 158 0.99 16.12 19.89
CA PRO A 158 1.71 17.36 19.67
C PRO A 158 1.15 18.09 18.47
N LYS A 159 0.67 17.33 17.49
CA LYS A 159 0.05 17.92 16.32
C LYS A 159 -1.16 18.69 16.78
N PHE A 160 -1.87 18.11 17.73
CA PHE A 160 -2.97 18.78 18.42
C PHE A 160 -2.55 19.97 19.26
N ASP A 161 -1.41 19.86 19.94
N ASP A 161 -1.47 19.86 19.94
CA ASP A 161 -0.87 20.96 20.75
CA ASP A 161 -0.94 20.97 20.73
C ASP A 161 -0.58 22.14 19.84
C ASP A 161 -0.64 22.15 19.83
N PHE A 162 0.09 21.86 18.73
CA PHE A 162 0.32 22.86 17.68
C PHE A 162 -1.01 23.36 17.16
N ALA A 163 -1.95 22.43 17.00
CA ALA A 163 -3.27 22.78 16.52
C ALA A 163 -3.97 23.76 17.44
N MET A 164 -3.83 23.59 18.75
CA MET A 164 -4.53 24.48 19.68
C MET A 164 -4.04 25.92 19.60
N LYS A 165 -2.72 26.08 19.63
CA LYS A 165 -2.11 27.39 19.53
C LYS A 165 -2.33 28.00 18.14
N PHE A 166 -2.20 27.18 17.10
CA PHE A 166 -2.39 27.62 15.71
C PHE A 166 -3.82 28.05 15.39
N ASN A 167 -4.79 27.36 15.99
CA ASN A 167 -6.20 27.68 15.76
C ASN A 167 -6.55 29.07 16.26
N ALA A 168 -5.89 29.46 17.35
CA ALA A 168 -6.20 30.68 18.10
C ALA A 168 -5.99 32.00 17.35
N LEU A 169 -5.49 31.95 16.11
CA LEU A 169 -4.95 33.16 15.45
C LEU A 169 -5.85 34.39 15.10
N GLU A 170 -7.05 34.24 14.51
CA GLU A 170 -7.46 33.04 13.82
C GLU A 170 -7.76 33.18 12.29
N LEU A 171 -7.35 32.19 11.49
CA LEU A 171 -7.22 32.35 10.02
C LEU A 171 -8.40 31.90 9.13
N ASP A 172 -8.80 32.79 8.22
CA ASP A 172 -9.73 32.47 7.15
C ASP A 172 -9.01 31.54 6.17
N ASP A 173 -9.77 30.93 5.26
CA ASP A 173 -9.18 30.05 4.26
C ASP A 173 -8.15 30.77 3.37
N SER A 174 -8.40 32.05 3.08
CA SER A 174 -7.49 32.87 2.32
C SER A 174 -6.15 32.97 3.03
N ASP A 175 -6.20 33.16 4.33
CA ASP A 175 -4.99 33.28 5.14
C ASP A 175 -4.15 32.01 5.07
N ILE A 176 -4.81 30.86 5.18
CA ILE A 176 -4.13 29.57 5.17
C ILE A 176 -3.42 29.37 3.84
N SER A 177 -4.14 29.56 2.75
CA SER A 177 -3.62 29.35 1.39
C SER A 177 -2.29 30.07 1.15
N LEU A 178 -2.22 31.30 1.64
CA LEU A 178 -0.98 32.04 1.57
C LEU A 178 0.07 31.39 2.47
N PHE A 179 -0.32 31.07 3.71
CA PHE A 179 0.57 30.41 4.66
C PHE A 179 1.10 29.11 4.09
N VAL A 180 0.20 28.31 3.55
CA VAL A 180 0.54 27.01 2.97
C VAL A 180 1.51 27.18 1.82
N ALA A 181 1.23 28.11 0.92
CA ALA A 181 2.07 28.28 -0.25
C ALA A 181 3.48 28.62 0.17
N ALA A 182 3.62 29.46 1.19
CA ALA A 182 4.93 29.82 1.73
C ALA A 182 5.66 28.61 2.33
N ILE A 183 4.94 27.76 3.03
CA ILE A 183 5.52 26.56 3.61
C ILE A 183 6.09 25.67 2.50
N ILE A 184 5.34 25.55 1.41
CA ILE A 184 5.70 24.65 0.32
C ILE A 184 6.99 25.07 -0.34
N CYS A 185 7.11 26.34 -0.63
CA CYS A 185 8.31 26.85 -1.28
C CYS A 185 9.24 27.52 -0.27
N CYS A 186 10.35 26.85 0.01
CA CYS A 186 11.37 27.37 0.91
C CYS A 186 12.75 27.31 0.29
N GLY A 187 13.49 28.40 0.39
CA GLY A 187 14.84 28.49 -0.12
C GLY A 187 15.81 27.55 0.59
N ASP A 188 15.55 27.32 1.87
CA ASP A 188 16.44 26.52 2.74
C ASP A 188 16.55 25.02 2.46
N ARG A 189 15.52 24.42 1.90
CA ARG A 189 15.47 22.96 1.75
C ARG A 189 16.78 22.44 1.13
N PRO A 190 17.28 21.29 1.61
CA PRO A 190 18.50 20.72 1.03
C PRO A 190 18.40 20.29 -0.44
N GLY A 191 19.47 20.54 -1.21
CA GLY A 191 19.62 20.03 -2.57
C GLY A 191 18.92 20.84 -3.64
N LEU A 192 18.49 22.04 -3.31
CA LEU A 192 17.77 22.88 -4.26
C LEU A 192 18.70 23.37 -5.36
N LEU A 193 18.27 23.17 -6.61
CA LEU A 193 19.06 23.61 -7.76
C LEU A 193 19.31 25.12 -7.72
N ASN A 194 18.25 25.91 -7.55
CA ASN A 194 18.37 27.36 -7.43
C ASN A 194 17.76 27.92 -6.15
N VAL A 195 18.57 28.66 -5.41
CA VAL A 195 18.11 29.34 -4.20
C VAL A 195 17.32 30.62 -4.51
N GLY A 196 17.76 31.36 -5.51
CA GLY A 196 17.23 32.70 -5.80
C GLY A 196 15.79 32.76 -6.25
N HIS A 197 15.37 31.82 -7.11
CA HIS A 197 13.99 31.79 -7.62
C HIS A 197 12.97 31.44 -6.53
N ILE A 198 13.33 30.49 -5.66
CA ILE A 198 12.48 30.13 -4.53
C ILE A 198 12.41 31.28 -3.54
N GLU A 199 13.57 31.82 -3.18
CA GLU A 199 13.61 32.96 -2.27
C GLU A 199 12.80 34.13 -2.81
N LYS A 200 12.91 34.36 -4.13
CA LYS A 200 12.14 35.42 -4.79
C LYS A 200 10.64 35.10 -4.73
N MET A 201 10.29 33.83 -4.91
CA MET A 201 8.90 33.38 -4.80
C MET A 201 8.34 33.59 -3.39
N GLN A 202 9.13 33.20 -2.39
CA GLN A 202 8.76 33.35 -0.98
C GLN A 202 8.44 34.82 -0.67
N GLU A 203 9.35 35.73 -1.04
CA GLU A 203 9.15 37.18 -0.82
C GLU A 203 7.81 37.66 -1.35
N GLY A 204 7.51 37.30 -2.60
CA GLY A 204 6.22 37.61 -3.21
C GLY A 204 5.06 37.08 -2.38
N ILE A 205 5.08 35.77 -2.12
CA ILE A 205 3.99 35.11 -1.39
C ILE A 205 3.88 35.67 0.03
N VAL A 206 5.02 35.81 0.70
CA VAL A 206 5.08 36.36 2.07
C VAL A 206 4.64 37.83 2.11
N HIS A 207 5.00 38.59 1.09
CA HIS A 207 4.60 39.99 1.00
C HIS A 207 3.09 40.12 0.93
N VAL A 208 2.47 39.24 0.16
CA VAL A 208 1.02 39.24 0.00
C VAL A 208 0.34 39.08 1.33
N LEU A 209 0.89 38.19 2.15
CA LEU A 209 0.37 37.98 3.50
C LEU A 209 0.39 39.30 4.28
N ARG A 210 1.50 40.02 4.18
CA ARG A 210 1.65 41.26 4.92
C ARG A 210 0.56 42.25 4.56
N LEU A 211 0.35 42.44 3.25
CA LEU A 211 -0.72 43.32 2.75
C LEU A 211 -2.05 42.78 3.22
N HIS A 212 -2.19 41.45 3.13
CA HIS A 212 -3.42 40.77 3.47
C HIS A 212 -3.82 40.93 4.94
N LEU A 213 -2.85 40.77 5.85
CA LEU A 213 -3.13 40.87 7.27
C LEU A 213 -3.65 42.24 7.66
N GLN A 214 -3.14 43.28 7.02
CA GLN A 214 -3.52 44.65 7.38
C GLN A 214 -5.00 44.96 7.14
N SER A 215 -5.51 44.55 5.98
CA SER A 215 -6.94 44.69 5.69
C SER A 215 -7.79 43.68 6.50
N ASN A 216 -7.33 42.44 6.51
CA ASN A 216 -8.11 41.32 7.05
C ASN A 216 -8.28 41.26 8.57
N HIS A 217 -7.20 41.43 9.32
CA HIS A 217 -7.29 41.33 10.76
C HIS A 217 -6.68 42.59 11.30
N PRO A 218 -7.37 43.72 11.12
CA PRO A 218 -6.82 44.96 11.66
C PRO A 218 -6.62 44.85 13.14
N ASP A 219 -7.52 44.11 13.78
CA ASP A 219 -7.49 43.93 15.21
C ASP A 219 -6.17 43.35 15.69
N ASP A 220 -5.50 42.52 14.88
CA ASP A 220 -4.17 42.03 15.24
C ASP A 220 -3.17 42.59 14.26
N ILE A 221 -2.25 43.42 14.74
CA ILE A 221 -1.21 43.97 13.86
C ILE A 221 0.06 43.14 13.90
N PHE A 222 0.09 42.15 14.78
CA PHE A 222 1.28 41.34 14.98
C PHE A 222 1.17 39.92 14.41
N LEU A 223 0.20 39.69 13.55
CA LEU A 223 -0.10 38.33 13.12
C LEU A 223 1.03 37.70 12.32
N LEU A 224 1.67 38.51 11.48
CA LEU A 224 2.73 38.03 10.60
C LEU A 224 3.94 37.46 11.38
N PRO A 225 4.43 38.21 12.38
CA PRO A 225 5.46 37.62 13.23
C PRO A 225 5.06 36.29 13.83
N LYS A 226 3.88 36.22 14.42
CA LYS A 226 3.37 35.00 15.06
C LYS A 226 3.14 33.90 14.04
N LEU A 227 2.62 34.29 12.88
CA LEU A 227 2.40 33.37 11.79
C LEU A 227 3.71 32.81 11.23
N LEU A 228 4.69 33.68 11.07
CA LEU A 228 6.01 33.26 10.62
C LEU A 228 6.63 32.28 11.59
N GLN A 229 6.47 32.54 12.89
CA GLN A 229 7.04 31.66 13.92
C GLN A 229 6.61 30.21 13.71
N LYS A 230 5.33 30.01 13.35
CA LYS A 230 4.74 28.67 13.24
C LYS A 230 5.53 27.73 12.35
N MET A 231 6.16 28.27 11.31
CA MET A 231 6.95 27.48 10.38
C MET A 231 8.15 26.81 11.06
N ALA A 232 8.83 27.55 11.93
CA ALA A 232 9.91 26.98 12.74
C ALA A 232 9.40 25.84 13.63
N ASP A 233 8.29 26.12 14.33
CA ASP A 233 7.58 25.13 15.17
C ASP A 233 7.11 23.90 14.36
N LEU A 234 6.63 24.18 13.15
CA LEU A 234 6.18 23.16 12.22
C LEU A 234 7.32 22.28 11.76
N ARG A 235 8.48 22.88 11.52
CA ARG A 235 9.64 22.15 11.05
C ARG A 235 10.04 21.08 12.07
N GLN A 236 10.05 21.44 13.35
CA GLN A 236 10.37 20.49 14.39
C GLN A 236 9.37 19.34 14.39
N LEU A 237 8.10 19.66 14.28
CA LEU A 237 7.05 18.64 14.33
C LEU A 237 7.18 17.56 13.25
N VAL A 238 7.61 17.97 12.05
CA VAL A 238 7.86 17.04 10.95
C VAL A 238 9.06 16.15 11.29
N THR A 239 10.12 16.75 11.85
CA THR A 239 11.28 16.01 12.36
C THR A 239 10.81 15.01 13.43
N GLU A 240 10.02 15.48 14.38
CA GLU A 240 9.47 14.62 15.43
C GLU A 240 8.59 13.53 14.83
N HIS A 241 7.73 13.91 13.88
CA HIS A 241 6.86 12.97 13.17
C HIS A 241 7.69 11.93 12.42
N ALA A 242 8.67 12.38 11.67
CA ALA A 242 9.52 11.50 10.85
C ALA A 242 10.17 10.40 11.71
N GLN A 243 10.75 10.82 12.83
CA GLN A 243 11.43 9.91 13.74
C GLN A 243 10.48 8.86 14.27
N LEU A 244 9.26 9.27 14.61
CA LEU A 244 8.28 8.33 15.10
C LEU A 244 7.92 7.29 14.04
N VAL A 245 7.65 7.75 12.84
CA VAL A 245 7.23 6.86 11.76
C VAL A 245 8.29 5.80 11.51
N GLN A 246 9.56 6.23 11.55
CA GLN A 246 10.69 5.33 11.39
C GLN A 246 10.66 4.23 12.44
N ILE A 247 10.31 4.60 13.66
CA ILE A 247 10.23 3.63 14.75
C ILE A 247 9.29 2.47 14.41
N ILE A 248 8.13 2.79 13.81
CA ILE A 248 7.08 1.82 13.60
C ILE A 248 7.50 0.73 12.63
N LYS A 249 8.09 1.15 11.51
CA LYS A 249 8.48 0.23 10.45
C LYS A 249 9.54 -0.78 10.94
N LYS A 250 10.50 -0.30 11.73
CA LYS A 250 11.48 -1.18 12.40
C LYS A 250 10.91 -1.96 13.60
N THR A 251 10.17 -1.30 14.48
CA THR A 251 9.62 -1.95 15.69
C THR A 251 8.52 -2.96 15.42
N GLU A 252 7.61 -2.61 14.53
CA GLU A 252 6.37 -3.36 14.36
C GLU A 252 6.36 -4.14 13.06
N SER A 253 6.11 -5.44 13.17
CA SER A 253 5.96 -6.30 12.01
C SER A 253 4.76 -5.86 11.18
N ASP A 254 3.70 -5.45 11.87
CA ASP A 254 2.39 -5.19 11.27
C ASP A 254 2.24 -3.94 10.39
N ALA A 255 2.86 -2.83 10.77
CA ALA A 255 2.64 -1.55 10.10
C ALA A 255 3.23 -1.48 8.68
N ALA A 256 2.61 -0.67 7.83
CA ALA A 256 2.81 -0.67 6.39
C ALA A 256 2.77 0.77 5.95
N LEU A 257 3.71 1.12 5.08
CA LEU A 257 3.86 2.49 4.60
C LEU A 257 3.59 2.59 3.11
N HIS A 258 2.79 3.57 2.70
CA HIS A 258 2.44 3.74 1.30
C HIS A 258 3.70 4.07 0.49
N PRO A 259 3.80 3.60 -0.78
CA PRO A 259 5.01 3.88 -1.57
C PRO A 259 5.39 5.39 -1.66
N LEU A 260 4.41 6.23 -1.97
CA LEU A 260 4.56 7.69 -1.94
C LEU A 260 5.06 8.21 -0.61
N LEU A 261 4.50 7.73 0.49
CA LEU A 261 4.96 8.18 1.81
C LEU A 261 6.42 7.83 2.10
N GLN A 262 6.88 6.68 1.61
CA GLN A 262 8.26 6.22 1.80
C GLN A 262 9.25 7.14 1.08
N GLU A 263 8.91 7.52 -0.14
CA GLU A 263 9.75 8.43 -0.91
C GLU A 263 9.88 9.78 -0.24
N ILE A 264 8.78 10.28 0.32
CA ILE A 264 8.79 11.57 1.00
C ILE A 264 9.58 11.51 2.28
N TYR A 265 9.33 10.44 3.05
CA TYR A 265 9.96 10.28 4.35
C TYR A 265 11.45 10.05 4.27
N ARG A 266 11.86 9.24 3.31
CA ARG A 266 13.26 8.87 3.18
C ARG A 266 14.12 10.09 2.90
N ASP A 267 15.18 10.26 3.68
CA ASP A 267 16.14 11.39 3.56
C ASP A 267 15.67 12.71 4.20
N MET A 268 14.49 12.73 4.80
CA MET A 268 13.88 13.97 5.28
C MET A 268 14.44 14.46 6.62
N TYR A 269 14.55 13.54 7.59
CA TYR A 269 15.18 13.84 8.89
C TYR A 269 16.69 13.76 8.76
N LYS B 5 -1.79 -29.02 15.85
CA LYS B 5 -0.54 -28.36 16.34
C LYS B 5 0.70 -29.13 15.90
N SER B 6 0.76 -30.41 16.26
CA SER B 6 1.88 -31.30 15.91
C SER B 6 2.07 -31.45 14.40
N LEU B 7 0.97 -31.71 13.68
CA LEU B 7 0.96 -31.76 12.22
C LEU B 7 1.13 -30.37 11.60
N ALA B 8 0.39 -29.40 12.13
CA ALA B 8 0.36 -28.04 11.58
C ALA B 8 1.74 -27.38 11.51
N LYS B 9 2.49 -27.44 12.61
CA LYS B 9 3.82 -26.84 12.73
C LYS B 9 4.82 -27.34 11.68
N ARG B 10 4.76 -28.63 11.38
CA ARG B 10 5.66 -29.27 10.40
C ARG B 10 5.46 -28.71 8.99
N ILE B 11 4.19 -28.49 8.61
CA ILE B 11 3.84 -27.87 7.34
C ILE B 11 4.38 -26.43 7.25
N TYR B 12 4.13 -25.67 8.32
CA TYR B 12 4.62 -24.29 8.43
C TYR B 12 6.14 -24.26 8.37
N GLU B 13 6.76 -25.10 9.18
CA GLU B 13 8.22 -25.24 9.15
C GLU B 13 8.74 -25.52 7.73
N ALA B 14 8.13 -26.50 7.08
CA ALA B 14 8.49 -26.85 5.71
C ALA B 14 8.39 -25.66 4.79
N TYR B 15 7.33 -24.88 4.94
CA TYR B 15 7.13 -23.65 4.18
C TYR B 15 8.28 -22.63 4.33
N LEU B 16 8.79 -22.45 5.55
CA LEU B 16 9.82 -21.44 5.80
C LEU B 16 11.13 -21.84 5.15
N LYS B 17 11.52 -23.08 5.38
CA LYS B 17 12.79 -23.58 4.82
C LYS B 17 12.81 -23.78 3.31
N ASN B 18 11.74 -24.34 2.77
CA ASN B 18 11.67 -24.68 1.34
C ASN B 18 11.50 -23.53 0.37
N PHE B 19 10.72 -22.53 0.79
CA PHE B 19 10.29 -21.42 -0.08
C PHE B 19 11.02 -20.12 0.21
N ASN B 20 11.69 -19.60 -0.81
CA ASN B 20 12.50 -18.39 -0.71
C ASN B 20 11.69 -17.12 -0.43
N MET B 21 10.51 -17.01 -1.04
CA MET B 21 9.63 -15.87 -0.83
C MET B 21 8.33 -16.20 -0.08
N ASN B 22 8.06 -15.41 0.96
CA ASN B 22 6.94 -15.58 1.86
C ASN B 22 6.13 -14.33 1.80
N LYS B 23 4.96 -14.39 2.43
CA LYS B 23 4.09 -13.23 2.53
C LYS B 23 4.78 -12.13 3.30
N VAL B 24 5.30 -12.49 4.48
CA VAL B 24 6.05 -11.56 5.33
C VAL B 24 7.23 -10.92 4.60
N LYS B 25 7.93 -11.72 3.80
CA LYS B 25 9.09 -11.25 3.08
C LYS B 25 8.73 -10.23 2.01
N ALA B 26 7.69 -10.54 1.24
CA ALA B 26 7.16 -9.61 0.25
C ALA B 26 6.61 -8.35 0.87
N ARG B 27 6.01 -8.52 2.05
CA ARG B 27 5.53 -7.37 2.78
C ARG B 27 6.64 -6.41 3.19
N VAL B 28 7.75 -6.95 3.66
CA VAL B 28 8.90 -6.13 4.01
C VAL B 28 9.45 -5.38 2.78
N ILE B 29 9.57 -6.08 1.65
CA ILE B 29 10.07 -5.48 0.39
C ILE B 29 9.14 -4.37 -0.08
N LEU B 30 7.83 -4.55 0.12
CA LEU B 30 6.85 -3.56 -0.31
C LEU B 30 6.80 -2.34 0.59
N SER B 31 6.82 -2.61 1.88
CA SER B 31 6.87 -1.60 2.95
C SER B 31 8.16 -0.75 2.91
N GLY B 32 9.27 -1.36 2.50
CA GLY B 32 10.58 -0.71 2.46
C GLY B 32 11.30 -0.74 3.80
N LYS B 33 10.75 -1.51 4.74
CA LYS B 33 11.38 -1.72 6.05
C LYS B 33 12.51 -2.70 5.93
N ALA B 34 13.49 -2.61 6.84
CA ALA B 34 14.64 -3.51 6.81
C ALA B 34 15.32 -3.43 5.43
N SER B 35 15.25 -2.24 4.81
CA SER B 35 15.80 -2.02 3.48
C SER B 35 15.21 -0.77 2.84
N ASN B 37 16.27 1.57 -0.62
CA ASN B 37 16.52 0.73 -1.79
C ASN B 37 15.22 0.12 -2.35
N PRO B 38 14.23 0.98 -2.66
CA PRO B 38 12.95 0.52 -3.15
C PRO B 38 13.14 -0.53 -4.23
N PRO B 39 12.17 -1.45 -4.38
CA PRO B 39 12.28 -2.33 -5.54
C PRO B 39 12.23 -1.51 -6.83
N PHE B 40 13.11 -1.84 -7.78
CA PHE B 40 13.18 -1.12 -9.04
C PHE B 40 11.87 -1.31 -9.78
N VAL B 41 11.23 -0.23 -10.19
CA VAL B 41 9.87 -0.33 -10.70
C VAL B 41 9.81 -0.23 -12.20
N ILE B 42 9.03 -1.12 -12.82
CA ILE B 42 8.82 -1.12 -14.27
C ILE B 42 7.37 -0.79 -14.64
N HIS B 43 7.23 0.37 -15.29
CA HIS B 43 5.95 0.92 -15.75
C HIS B 43 5.96 1.16 -17.25
N ASP B 44 7.10 0.93 -17.88
CA ASP B 44 7.27 1.17 -19.29
C ASP B 44 8.25 0.14 -19.85
N MET B 45 8.13 -0.11 -21.15
CA MET B 45 9.04 -1.01 -21.88
C MET B 45 10.50 -0.60 -21.70
N GLU B 46 10.74 0.70 -21.78
CA GLU B 46 12.08 1.27 -21.62
C GLU B 46 12.65 1.05 -20.23
N THR B 47 11.80 1.17 -19.22
CA THR B 47 12.19 0.85 -17.84
C THR B 47 12.50 -0.64 -17.71
N LEU B 48 11.70 -1.47 -18.38
CA LEU B 48 11.89 -2.91 -18.39
C LEU B 48 13.24 -3.28 -18.99
N CYS B 49 13.58 -2.64 -20.10
CA CYS B 49 14.89 -2.82 -20.74
C CYS B 49 16.04 -2.49 -19.80
N MET B 50 15.84 -1.48 -18.97
CA MET B 50 16.79 -1.17 -17.89
C MET B 50 16.90 -2.33 -16.91
N ALA B 51 15.76 -2.90 -16.53
CA ALA B 51 15.72 -4.03 -15.57
C ALA B 51 16.52 -5.22 -16.04
N GLU B 52 16.40 -5.57 -17.32
CA GLU B 52 17.13 -6.68 -17.91
C GLU B 52 18.63 -6.45 -17.89
N LYS B 53 19.04 -5.21 -18.14
CA LYS B 53 20.46 -4.83 -18.07
C LYS B 53 20.98 -4.92 -16.64
N THR B 54 20.17 -4.45 -15.69
CA THR B 54 20.49 -4.56 -14.26
C THR B 54 20.56 -6.02 -13.79
N LEU B 55 19.69 -6.88 -14.34
CA LEU B 55 19.62 -8.30 -13.96
C LEU B 55 20.11 -9.23 -15.09
N LYS B 67 14.60 -9.32 -30.17
CA LYS B 67 13.59 -10.06 -29.42
C LYS B 67 12.47 -9.17 -28.90
N GLU B 68 11.23 -9.60 -29.10
CA GLU B 68 10.07 -8.83 -28.65
C GLU B 68 9.94 -8.90 -27.12
N ALA B 69 9.51 -7.79 -26.51
CA ALA B 69 9.35 -7.73 -25.05
C ALA B 69 8.46 -8.83 -24.48
N GLU B 70 7.40 -9.16 -25.20
CA GLU B 70 6.44 -10.17 -24.76
C GLU B 70 7.09 -11.53 -24.65
N VAL B 71 7.84 -11.86 -25.69
CA VAL B 71 8.65 -13.08 -25.73
C VAL B 71 9.72 -13.04 -24.62
N ARG B 72 10.35 -11.88 -24.43
CA ARG B 72 11.37 -11.70 -23.40
C ARG B 72 10.80 -11.86 -21.99
N ILE B 73 9.63 -11.29 -21.75
CA ILE B 73 8.91 -11.48 -20.49
C ILE B 73 8.55 -12.96 -20.28
N PHE B 74 8.24 -13.65 -21.36
CA PHE B 74 7.77 -15.03 -21.29
C PHE B 74 8.80 -15.98 -20.69
N HIS B 75 10.07 -15.74 -20.99
CA HIS B 75 11.18 -16.47 -20.37
C HIS B 75 11.12 -16.33 -18.84
N CYS B 76 10.98 -15.09 -18.38
CA CYS B 76 10.91 -14.80 -16.95
C CYS B 76 9.76 -15.52 -16.25
N CYS B 77 8.62 -15.57 -16.92
CA CYS B 77 7.48 -16.32 -16.43
C CYS B 77 7.76 -17.81 -16.28
N GLN B 78 8.22 -18.43 -17.37
CA GLN B 78 8.57 -19.84 -17.35
C GLN B 78 9.66 -20.15 -16.34
N CYS B 79 10.69 -19.30 -16.29
CA CYS B 79 11.77 -19.46 -15.31
C CYS B 79 11.27 -19.33 -13.87
N THR B 80 10.38 -18.39 -13.63
CA THR B 80 9.79 -18.22 -12.32
C THR B 80 8.96 -19.45 -11.91
N SER B 81 8.14 -19.97 -12.81
CA SER B 81 7.36 -21.18 -12.52
C SER B 81 8.29 -22.31 -12.15
N VAL B 82 9.28 -22.56 -13.01
CA VAL B 82 10.24 -23.67 -12.84
C VAL B 82 10.92 -23.59 -11.46
N GLU B 83 11.30 -22.38 -11.08
CA GLU B 83 11.92 -22.18 -9.79
C GLU B 83 10.92 -22.51 -8.68
N THR B 84 9.69 -22.05 -8.84
CA THR B 84 8.63 -22.31 -7.85
C THR B 84 8.20 -23.79 -7.77
N VAL B 85 8.18 -24.47 -8.90
CA VAL B 85 7.85 -25.90 -8.97
C VAL B 85 8.88 -26.73 -8.20
N THR B 86 10.16 -26.37 -8.35
CA THR B 86 11.24 -26.99 -7.61
C THR B 86 11.07 -26.86 -6.09
N GLU B 87 10.66 -25.67 -5.68
CA GLU B 87 10.36 -25.40 -4.29
C GLU B 87 9.15 -26.24 -3.84
N LEU B 88 8.14 -26.29 -4.69
CA LEU B 88 6.94 -27.06 -4.42
C LEU B 88 7.19 -28.56 -4.34
N THR B 89 8.12 -29.04 -5.17
CA THR B 89 8.47 -30.44 -5.18
C THR B 89 9.18 -30.75 -3.89
N GLU B 90 10.14 -29.92 -3.49
CA GLU B 90 10.88 -30.12 -2.25
C GLU B 90 9.96 -30.00 -1.04
N PHE B 91 9.10 -29.00 -1.07
CA PHE B 91 8.08 -28.82 -0.03
C PHE B 91 7.14 -30.00 0.03
N ALA B 92 6.75 -30.52 -1.12
CA ALA B 92 5.79 -31.64 -1.18
C ALA B 92 6.31 -32.83 -0.40
N LYS B 93 7.61 -33.12 -0.54
CA LYS B 93 8.23 -34.23 0.20
C LYS B 93 8.17 -33.97 1.72
N ALA B 94 8.42 -32.72 2.11
CA ALA B 94 8.33 -32.26 3.50
C ALA B 94 7.01 -32.58 4.20
N ILE B 95 5.90 -32.56 3.46
CA ILE B 95 4.57 -32.84 4.04
C ILE B 95 4.54 -34.28 4.60
N PRO B 96 4.13 -34.46 5.90
CA PRO B 96 4.10 -35.81 6.49
C PRO B 96 3.30 -36.84 5.69
N GLY B 97 3.96 -37.93 5.33
CA GLY B 97 3.31 -39.05 4.67
C GLY B 97 3.27 -39.04 3.15
N PHE B 98 3.62 -37.91 2.55
CA PHE B 98 3.64 -37.74 1.08
C PHE B 98 4.64 -38.66 0.42
N ALA B 99 5.79 -38.83 1.08
CA ALA B 99 6.86 -39.68 0.59
C ALA B 99 6.37 -41.11 0.32
N ASN B 100 5.42 -41.55 1.14
CA ASN B 100 4.83 -42.89 0.99
C ASN B 100 4.10 -43.18 -0.30
N LEU B 101 3.47 -42.16 -0.88
CA LEU B 101 2.64 -42.33 -2.07
C LEU B 101 3.49 -42.85 -3.23
N ASP B 102 2.83 -43.45 -4.21
CA ASP B 102 3.54 -44.00 -5.37
C ASP B 102 4.22 -42.88 -6.14
N LEU B 103 5.43 -43.15 -6.61
CA LEU B 103 6.18 -42.20 -7.41
C LEU B 103 5.33 -41.61 -8.55
N ASN B 104 4.51 -42.45 -9.18
CA ASN B 104 3.57 -42.01 -10.22
C ASN B 104 2.50 -41.08 -9.67
N ASP B 105 2.00 -41.43 -8.48
CA ASP B 105 1.06 -40.59 -7.72
C ASP B 105 1.66 -39.23 -7.33
N GLN B 106 2.93 -39.23 -6.97
CA GLN B 106 3.64 -37.98 -6.64
C GLN B 106 3.82 -37.07 -7.84
N VAL B 107 4.12 -37.65 -8.99
CA VAL B 107 4.23 -36.90 -10.24
C VAL B 107 2.86 -36.39 -10.63
N THR B 108 1.85 -37.24 -10.48
CA THR B 108 0.48 -36.87 -10.78
C THR B 108 -0.02 -35.75 -9.86
N LEU B 109 0.28 -35.86 -8.57
CA LEU B 109 -0.11 -34.83 -7.61
C LEU B 109 0.56 -33.52 -7.96
N LEU B 110 1.87 -33.58 -8.19
CA LEU B 110 2.63 -32.39 -8.47
C LEU B 110 2.21 -31.71 -9.75
N LYS B 111 1.98 -32.46 -10.82
CA LYS B 111 1.71 -31.86 -12.13
C LYS B 111 0.40 -31.08 -12.19
N TYR B 112 -0.68 -31.72 -11.73
CA TYR B 112 -1.96 -31.02 -11.60
C TYR B 112 -1.92 -29.98 -10.50
N GLY B 113 -1.32 -30.35 -9.37
CA GLY B 113 -1.26 -29.50 -8.19
C GLY B 113 -0.45 -28.21 -8.29
N VAL B 114 0.69 -28.27 -8.96
CA VAL B 114 1.71 -27.24 -8.85
C VAL B 114 1.23 -25.85 -9.28
N TYR B 115 0.53 -25.76 -10.42
CA TYR B 115 0.07 -24.45 -10.97
C TYR B 115 -0.99 -23.75 -10.11
N GLU B 116 -1.85 -24.53 -9.49
CA GLU B 116 -2.86 -24.04 -8.58
C GLU B 116 -2.16 -23.43 -7.37
N ALA B 117 -1.20 -24.15 -6.83
CA ALA B 117 -0.44 -23.66 -5.68
C ALA B 117 0.31 -22.37 -5.96
N ILE B 118 0.86 -22.24 -7.17
CA ILE B 118 1.65 -21.06 -7.52
C ILE B 118 0.82 -19.79 -7.49
N PHE B 119 -0.38 -19.84 -8.05
CA PHE B 119 -1.24 -18.65 -8.15
C PHE B 119 -1.79 -18.21 -6.82
N ALA B 120 -2.15 -19.16 -5.98
CA ALA B 120 -2.52 -18.86 -4.60
C ALA B 120 -1.35 -18.27 -3.81
N MET B 121 -0.18 -18.82 -4.05
CA MET B 121 1.05 -18.40 -3.38
C MET B 121 1.67 -17.11 -3.91
N LEU B 122 1.39 -16.77 -5.16
CA LEU B 122 1.92 -15.54 -5.77
C LEU B 122 1.18 -14.30 -5.26
N SER B 123 0.00 -14.52 -4.70
CA SER B 123 -0.81 -13.44 -4.18
C SER B 123 -0.07 -12.51 -3.21
N SER B 124 0.79 -13.07 -2.37
CA SER B 124 1.57 -12.32 -1.39
C SER B 124 2.49 -11.29 -2.02
N VAL B 125 3.12 -11.66 -3.12
CA VAL B 125 3.91 -10.71 -3.91
C VAL B 125 3.02 -9.70 -4.67
N MET B 126 1.79 -10.08 -4.99
CA MET B 126 0.86 -9.22 -5.73
C MET B 126 0.14 -8.11 -4.96
N ASN B 127 -0.06 -6.98 -5.65
CA ASN B 127 -0.80 -5.83 -5.17
C ASN B 127 -1.60 -5.20 -6.31
N LYS B 128 -2.70 -4.52 -5.99
CA LYS B 128 -3.54 -3.93 -7.03
C LYS B 128 -2.74 -3.11 -8.04
N ASP B 129 -1.79 -2.33 -7.56
CA ASP B 129 -0.92 -1.51 -8.42
C ASP B 129 0.08 -2.35 -9.20
N GLY B 130 0.66 -3.36 -8.56
CA GLY B 130 1.73 -4.14 -9.21
C GLY B 130 2.05 -5.47 -8.57
N MET B 131 3.13 -6.09 -9.05
CA MET B 131 3.64 -7.35 -8.46
C MET B 131 5.18 -7.39 -8.37
N LEU B 132 5.69 -8.11 -7.38
CA LEU B 132 7.13 -8.25 -7.17
C LEU B 132 7.76 -9.26 -8.11
N VAL B 133 8.89 -8.90 -8.69
CA VAL B 133 9.56 -9.72 -9.71
C VAL B 133 11.02 -9.83 -9.36
N ALA B 134 11.69 -10.81 -9.95
CA ALA B 134 13.13 -11.04 -9.72
C ALA B 134 13.43 -11.24 -8.24
N TYR B 135 12.60 -12.03 -7.58
CA TYR B 135 12.72 -12.25 -6.14
C TYR B 135 12.63 -10.96 -5.33
N GLY B 136 11.77 -10.05 -5.79
CA GLY B 136 11.54 -8.77 -5.11
C GLY B 136 12.52 -7.65 -5.39
N ASN B 137 13.52 -7.91 -6.22
CA ASN B 137 14.42 -6.87 -6.67
C ASN B 137 13.71 -5.81 -7.51
N GLY B 138 12.74 -6.26 -8.30
CA GLY B 138 11.95 -5.39 -9.15
C GLY B 138 10.47 -5.46 -8.81
N PHE B 139 9.74 -4.43 -9.21
CA PHE B 139 8.29 -4.38 -9.09
C PHE B 139 7.71 -4.05 -10.45
N ILE B 140 6.76 -4.87 -10.91
CA ILE B 140 6.15 -4.63 -12.23
C ILE B 140 4.70 -4.15 -12.08
N THR B 141 4.40 -3.03 -12.74
CA THR B 141 3.08 -2.41 -12.64
C THR B 141 2.03 -3.25 -13.32
N ARG B 142 0.83 -3.25 -12.74
CA ARG B 142 -0.30 -4.00 -13.27
C ARG B 142 -0.71 -3.48 -14.64
N GLU B 143 -0.76 -2.16 -14.78
CA GLU B 143 -1.14 -1.51 -16.01
C GLU B 143 -0.19 -1.88 -17.14
N PHE B 144 1.11 -1.91 -16.86
CA PHE B 144 2.10 -2.28 -17.88
C PHE B 144 1.84 -3.68 -18.45
N LEU B 145 1.58 -4.66 -17.58
CA LEU B 145 1.33 -6.04 -18.01
C LEU B 145 0.12 -6.13 -18.92
N LYS B 146 -0.91 -5.35 -18.60
CA LYS B 146 -2.08 -5.24 -19.43
C LYS B 146 -1.71 -4.67 -20.80
N SER B 147 -0.74 -3.76 -20.84
CA SER B 147 -0.42 -3.04 -22.09
C SER B 147 0.08 -3.86 -23.30
N LEU B 148 0.83 -4.93 -23.04
CA LEU B 148 1.55 -5.71 -24.06
C LEU B 148 0.55 -6.23 -25.10
N ARG B 149 0.99 -6.44 -26.34
CA ARG B 149 0.06 -6.92 -27.38
C ARG B 149 -0.52 -8.31 -27.03
N LYS B 150 -1.77 -8.54 -27.44
CA LYS B 150 -2.41 -9.83 -27.18
C LYS B 150 -1.70 -10.89 -28.01
N PRO B 151 -1.69 -12.16 -27.56
CA PRO B 151 -2.42 -12.62 -26.37
C PRO B 151 -1.59 -12.59 -25.09
N PHE B 152 -0.41 -11.99 -25.13
CA PHE B 152 0.50 -12.00 -23.99
C PHE B 152 -0.04 -11.26 -22.78
N CYS B 153 -0.72 -10.14 -23.01
CA CYS B 153 -1.29 -9.30 -21.94
C CYS B 153 -2.32 -10.01 -21.05
N ASP B 154 -2.99 -11.01 -21.62
CA ASP B 154 -4.10 -11.70 -20.96
C ASP B 154 -3.71 -12.59 -19.79
N ILE B 155 -2.44 -12.99 -19.67
CA ILE B 155 -2.06 -13.98 -18.64
C ILE B 155 -2.07 -13.40 -17.23
N MET B 156 -1.64 -12.15 -17.09
CA MET B 156 -1.55 -11.53 -15.77
C MET B 156 -2.86 -11.23 -15.04
N GLU B 157 -3.85 -10.74 -15.77
CA GLU B 157 -5.04 -10.17 -15.20
C GLU B 157 -5.90 -11.11 -14.36
N PRO B 158 -6.11 -12.35 -14.83
CA PRO B 158 -6.95 -13.28 -14.08
C PRO B 158 -6.41 -13.64 -12.73
N LYS B 159 -5.08 -13.71 -12.65
CA LYS B 159 -4.38 -13.90 -11.38
C LYS B 159 -4.60 -12.69 -10.47
N PHE B 160 -4.46 -11.50 -11.05
CA PHE B 160 -4.71 -10.26 -10.31
C PHE B 160 -6.15 -10.22 -9.74
N ASP B 161 -7.13 -10.57 -10.56
CA ASP B 161 -8.55 -10.59 -10.13
C ASP B 161 -8.74 -11.53 -8.95
N PHE B 162 -8.21 -12.75 -9.09
CA PHE B 162 -8.23 -13.77 -8.04
C PHE B 162 -7.42 -13.29 -6.84
N ALA B 163 -6.27 -12.68 -7.11
CA ALA B 163 -5.42 -12.17 -6.04
C ALA B 163 -6.17 -11.17 -5.19
N MET B 164 -6.96 -10.29 -5.78
CA MET B 164 -7.72 -9.32 -4.98
C MET B 164 -8.63 -10.01 -3.95
N LYS B 165 -9.30 -11.07 -4.39
CA LYS B 165 -10.26 -11.81 -3.56
C LYS B 165 -9.56 -12.68 -2.53
N PHE B 166 -8.50 -13.35 -2.95
CA PHE B 166 -7.72 -14.23 -2.07
C PHE B 166 -6.91 -13.43 -1.06
N ASN B 167 -6.23 -12.41 -1.59
CA ASN B 167 -5.35 -11.52 -0.80
C ASN B 167 -6.10 -10.75 0.27
N ALA B 168 -7.33 -10.36 -0.05
CA ALA B 168 -8.19 -9.60 0.87
C ALA B 168 -8.47 -10.28 2.19
N LEU B 169 -8.34 -11.60 2.21
CA LEU B 169 -8.54 -12.39 3.43
C LEU B 169 -7.44 -12.28 4.50
N GLU B 170 -6.23 -11.91 4.09
CA GLU B 170 -5.15 -11.57 5.02
C GLU B 170 -4.59 -12.77 5.81
N LEU B 171 -4.46 -13.90 5.14
CA LEU B 171 -3.98 -15.12 5.78
C LEU B 171 -2.48 -15.10 6.04
N ASP B 172 -2.08 -15.72 7.15
N ASP B 172 -2.14 -15.72 7.13
CA ASP B 172 -0.66 -15.86 7.51
CA ASP B 172 -0.73 -15.87 7.50
C ASP B 172 0.02 -16.92 6.64
C ASP B 172 -0.03 -16.91 6.61
N ASP B 173 1.35 -16.90 6.61
CA ASP B 173 2.13 -17.90 5.88
C ASP B 173 1.81 -19.32 6.36
N SER B 174 1.65 -19.48 7.68
CA SER B 174 1.22 -20.75 8.25
C SER B 174 -0.13 -21.16 7.68
N ASP B 175 -1.04 -20.20 7.60
CA ASP B 175 -2.34 -20.42 6.97
C ASP B 175 -2.18 -20.81 5.50
N ILE B 176 -1.30 -20.11 4.79
CA ILE B 176 -1.02 -20.40 3.38
C ILE B 176 -0.48 -21.81 3.20
N SER B 177 0.50 -22.19 4.01
CA SER B 177 1.19 -23.47 3.85
C SER B 177 0.22 -24.65 3.93
N LEU B 178 -0.70 -24.59 4.88
CA LEU B 178 -1.77 -25.57 4.98
C LEU B 178 -2.62 -25.58 3.70
N PHE B 179 -3.04 -24.40 3.27
CA PHE B 179 -3.84 -24.24 2.06
C PHE B 179 -3.11 -24.85 0.88
N VAL B 180 -1.82 -24.58 0.79
CA VAL B 180 -1.02 -25.11 -0.31
C VAL B 180 -0.99 -26.63 -0.26
N ALA B 181 -0.77 -27.19 0.92
CA ALA B 181 -0.65 -28.63 1.09
C ALA B 181 -1.85 -29.37 0.53
N ALA B 182 -3.07 -28.90 0.83
CA ALA B 182 -4.31 -29.55 0.38
C ALA B 182 -4.45 -29.55 -1.15
N ILE B 183 -3.98 -28.47 -1.77
CA ILE B 183 -3.92 -28.38 -3.21
C ILE B 183 -2.92 -29.41 -3.75
N ILE B 184 -1.75 -29.46 -3.13
CA ILE B 184 -0.67 -30.32 -3.58
C ILE B 184 -1.10 -31.78 -3.52
N CYS B 185 -1.78 -32.16 -2.45
CA CYS B 185 -2.30 -33.54 -2.34
C CYS B 185 -3.83 -33.60 -2.33
N CYS B 186 -4.39 -33.83 -3.52
CA CYS B 186 -5.83 -33.82 -3.77
C CYS B 186 -6.41 -35.20 -4.11
N GLY B 187 -7.54 -35.50 -3.49
CA GLY B 187 -8.21 -36.81 -3.64
C GLY B 187 -8.59 -37.13 -5.08
N ASP B 188 -9.12 -36.14 -5.79
CA ASP B 188 -9.48 -36.32 -7.18
C ASP B 188 -8.32 -35.92 -8.06
N ARG B 189 -7.66 -36.92 -8.63
CA ARG B 189 -6.60 -36.69 -9.64
C ARG B 189 -6.66 -37.77 -10.74
N PRO B 190 -6.38 -37.37 -12.01
CA PRO B 190 -6.38 -38.40 -13.04
C PRO B 190 -5.23 -39.39 -12.94
N GLY B 191 -5.50 -40.64 -13.32
CA GLY B 191 -4.46 -41.66 -13.49
C GLY B 191 -3.74 -42.08 -12.21
N LEU B 192 -4.49 -42.29 -11.14
CA LEU B 192 -3.90 -42.55 -9.83
C LEU B 192 -4.09 -43.94 -9.27
N LEU B 193 -2.97 -44.50 -8.83
CA LEU B 193 -2.91 -45.85 -8.28
C LEU B 193 -3.63 -45.91 -6.92
N ASN B 194 -3.41 -44.90 -6.07
CA ASN B 194 -3.86 -45.00 -4.67
C ASN B 194 -4.69 -43.82 -4.17
N VAL B 195 -5.92 -43.71 -4.66
CA VAL B 195 -6.77 -42.56 -4.34
C VAL B 195 -7.11 -42.52 -2.85
N GLY B 196 -7.47 -43.68 -2.30
CA GLY B 196 -7.98 -43.78 -0.93
C GLY B 196 -6.98 -43.37 0.14
N HIS B 197 -5.70 -43.61 -0.14
CA HIS B 197 -4.62 -43.17 0.73
C HIS B 197 -4.48 -41.64 0.70
N ILE B 198 -4.59 -41.07 -0.50
CA ILE B 198 -4.54 -39.63 -0.70
C ILE B 198 -5.76 -38.92 -0.09
N GLU B 199 -6.92 -39.53 -0.24
CA GLU B 199 -8.13 -38.99 0.35
C GLU B 199 -8.05 -38.87 1.85
N LYS B 200 -7.39 -39.84 2.50
CA LYS B 200 -7.15 -39.81 3.95
C LYS B 200 -6.25 -38.65 4.30
N MET B 201 -5.18 -38.49 3.53
CA MET B 201 -4.26 -37.37 3.71
C MET B 201 -4.94 -36.02 3.56
N GLN B 202 -5.81 -35.86 2.57
CA GLN B 202 -6.53 -34.61 2.34
C GLN B 202 -7.39 -34.24 3.54
N GLU B 203 -8.07 -35.23 4.11
CA GLU B 203 -8.89 -35.05 5.30
C GLU B 203 -8.11 -34.49 6.46
N GLY B 204 -6.92 -35.06 6.67
CA GLY B 204 -6.04 -34.62 7.77
C GLY B 204 -5.76 -33.15 7.67
N ILE B 205 -5.22 -32.76 6.52
CA ILE B 205 -4.69 -31.41 6.32
C ILE B 205 -5.83 -30.39 6.43
N VAL B 206 -6.97 -30.75 5.85
CA VAL B 206 -8.18 -29.93 5.94
C VAL B 206 -8.71 -29.87 7.38
N HIS B 207 -8.66 -30.99 8.08
CA HIS B 207 -9.06 -31.03 9.48
C HIS B 207 -8.19 -30.10 10.30
N VAL B 208 -6.89 -30.11 10.01
CA VAL B 208 -5.94 -29.25 10.70
C VAL B 208 -6.24 -27.77 10.41
N LEU B 209 -6.64 -27.48 9.18
CA LEU B 209 -6.93 -26.13 8.75
C LEU B 209 -8.08 -25.57 9.57
N ARG B 210 -9.18 -26.32 9.66
CA ARG B 210 -10.35 -25.87 10.41
C ARG B 210 -10.05 -25.63 11.88
N LEU B 211 -9.31 -26.54 12.51
CA LEU B 211 -8.92 -26.38 13.90
C LEU B 211 -7.98 -25.19 14.06
N HIS B 212 -7.03 -25.07 13.14
CA HIS B 212 -6.09 -23.94 13.14
C HIS B 212 -6.76 -22.59 12.94
N LEU B 213 -7.71 -22.51 12.00
CA LEU B 213 -8.38 -21.26 11.68
C LEU B 213 -9.10 -20.61 12.85
N GLN B 214 -9.70 -21.43 13.71
CA GLN B 214 -10.42 -20.93 14.88
C GLN B 214 -9.53 -20.15 15.83
N SER B 215 -8.32 -20.66 16.05
CA SER B 215 -7.35 -19.97 16.89
C SER B 215 -6.71 -18.82 16.12
N ASN B 216 -6.32 -19.09 14.87
CA ASN B 216 -5.61 -18.14 14.05
C ASN B 216 -6.43 -16.92 13.68
N HIS B 217 -7.68 -17.13 13.27
CA HIS B 217 -8.53 -15.99 12.91
C HIS B 217 -9.86 -16.07 13.65
N PRO B 218 -9.85 -15.84 14.98
CA PRO B 218 -11.14 -15.84 15.65
C PRO B 218 -11.98 -14.63 15.25
N ASP B 219 -13.25 -14.66 15.61
CA ASP B 219 -14.16 -13.54 15.33
C ASP B 219 -14.43 -13.41 13.82
N ASP B 220 -14.49 -14.54 13.14
CA ASP B 220 -14.78 -14.56 11.70
C ASP B 220 -15.46 -15.87 11.32
N ILE B 221 -16.60 -15.75 10.65
CA ILE B 221 -17.35 -16.92 10.21
C ILE B 221 -17.13 -17.11 8.74
N PHE B 222 -17.32 -18.34 8.30
CA PHE B 222 -17.19 -18.70 6.90
C PHE B 222 -15.74 -18.55 6.44
N LEU B 223 -14.82 -18.39 7.40
CA LEU B 223 -13.41 -18.26 7.07
C LEU B 223 -12.90 -19.56 6.44
N LEU B 224 -13.28 -20.68 7.05
CA LEU B 224 -12.88 -22.01 6.56
C LEU B 224 -13.48 -22.34 5.18
N PRO B 225 -14.79 -22.11 5.00
CA PRO B 225 -15.46 -22.38 3.74
C PRO B 225 -14.87 -21.64 2.54
N LYS B 226 -14.41 -20.40 2.70
CA LYS B 226 -13.92 -19.66 1.54
C LYS B 226 -12.68 -20.26 0.96
N LEU B 227 -11.75 -20.59 1.83
CA LEU B 227 -10.55 -21.29 1.38
C LEU B 227 -10.89 -22.45 0.45
N LEU B 228 -11.92 -23.21 0.81
CA LEU B 228 -12.36 -24.30 -0.04
C LEU B 228 -12.80 -23.82 -1.42
N GLN B 229 -13.49 -22.67 -1.45
CA GLN B 229 -13.88 -22.07 -2.72
C GLN B 229 -12.65 -21.73 -3.55
N LYS B 230 -11.60 -21.23 -2.89
CA LYS B 230 -10.38 -20.83 -3.58
C LYS B 230 -9.69 -21.97 -4.31
N MET B 231 -9.68 -23.15 -3.69
CA MET B 231 -9.18 -24.35 -4.35
C MET B 231 -9.94 -24.64 -5.63
N ALA B 232 -11.26 -24.55 -5.57
CA ALA B 232 -12.11 -24.77 -6.75
C ALA B 232 -11.87 -23.71 -7.83
N ASP B 233 -11.71 -22.47 -7.41
CA ASP B 233 -11.40 -21.35 -8.31
C ASP B 233 -10.02 -21.48 -8.95
N LEU B 234 -9.09 -22.04 -8.18
CA LEU B 234 -7.73 -22.27 -8.66
C LEU B 234 -7.76 -23.21 -9.84
N ARG B 235 -8.44 -24.35 -9.69
CA ARG B 235 -8.50 -25.33 -10.76
C ARG B 235 -9.13 -24.78 -12.04
N GLN B 236 -10.17 -23.97 -11.89
CA GLN B 236 -10.79 -23.27 -13.03
C GLN B 236 -9.80 -22.28 -13.62
N LEU B 237 -9.11 -21.56 -12.75
CA LEU B 237 -8.11 -20.59 -13.19
C LEU B 237 -6.93 -21.24 -13.92
N VAL B 238 -6.47 -22.37 -13.41
CA VAL B 238 -5.39 -23.13 -14.06
C VAL B 238 -5.81 -23.63 -15.46
N THR B 239 -7.04 -24.09 -15.57
CA THR B 239 -7.59 -24.54 -16.84
C THR B 239 -7.61 -23.40 -17.85
N GLU B 240 -8.11 -22.25 -17.43
CA GLU B 240 -8.15 -21.05 -18.27
C GLU B 240 -6.73 -20.68 -18.72
N HIS B 241 -5.79 -20.74 -17.78
CA HIS B 241 -4.40 -20.42 -18.07
C HIS B 241 -3.82 -21.35 -19.11
N ALA B 242 -4.10 -22.65 -18.97
CA ALA B 242 -3.57 -23.66 -19.89
C ALA B 242 -3.99 -23.37 -21.33
N GLN B 243 -5.25 -23.04 -21.53
CA GLN B 243 -5.75 -22.68 -22.86
C GLN B 243 -4.94 -21.56 -23.47
N LEU B 244 -4.65 -20.54 -22.68
CA LEU B 244 -3.87 -19.40 -23.14
C LEU B 244 -2.49 -19.84 -23.59
N VAL B 245 -1.81 -20.63 -22.77
CA VAL B 245 -0.49 -21.18 -23.10
C VAL B 245 -0.51 -22.00 -24.41
N GLN B 246 -1.53 -22.85 -24.56
CA GLN B 246 -1.70 -23.63 -25.78
C GLN B 246 -1.82 -22.69 -27.00
N ILE B 247 -2.67 -21.67 -26.86
CA ILE B 247 -2.86 -20.68 -27.93
C ILE B 247 -1.57 -19.94 -28.26
N ILE B 248 -0.79 -19.57 -27.25
CA ILE B 248 0.47 -18.85 -27.45
C ILE B 248 1.44 -19.68 -28.28
N LYS B 249 1.53 -20.97 -27.96
CA LYS B 249 2.39 -21.87 -28.71
C LYS B 249 2.01 -21.94 -30.19
N LYS B 250 0.71 -22.13 -30.48
CA LYS B 250 0.21 -22.28 -31.85
C LYS B 250 0.39 -21.01 -32.70
N THR B 251 -0.06 -19.88 -32.16
CA THR B 251 0.13 -18.55 -32.76
C THR B 251 1.58 -18.01 -32.84
N GLU B 252 2.38 -18.22 -31.81
CA GLU B 252 3.62 -17.44 -31.60
C GLU B 252 4.95 -18.12 -31.99
N SER B 253 5.80 -17.35 -32.67
CA SER B 253 7.10 -17.83 -33.19
C SER B 253 8.14 -18.23 -32.14
N ASP B 254 8.31 -17.41 -31.11
CA ASP B 254 9.07 -17.80 -29.94
C ASP B 254 8.11 -18.39 -28.90
N ALA B 255 7.54 -19.54 -29.19
CA ALA B 255 6.67 -20.18 -28.20
C ALA B 255 7.49 -20.60 -26.98
N ALA B 256 8.67 -21.19 -27.24
CA ALA B 256 9.72 -21.35 -26.25
C ALA B 256 9.32 -22.01 -24.93
N LEU B 257 8.53 -23.09 -24.99
CA LEU B 257 8.14 -23.80 -23.77
C LEU B 257 9.30 -24.55 -23.11
N HIS B 258 9.42 -24.43 -21.79
CA HIS B 258 10.46 -25.12 -21.03
C HIS B 258 10.11 -26.61 -20.92
N PRO B 259 11.13 -27.49 -20.86
CA PRO B 259 10.85 -28.92 -20.84
C PRO B 259 9.94 -29.38 -19.72
N LEU B 260 10.18 -28.91 -18.51
CA LEU B 260 9.35 -29.26 -17.34
C LEU B 260 7.90 -28.88 -17.53
N LEU B 261 7.71 -27.67 -18.05
CA LEU B 261 6.37 -27.18 -18.37
C LEU B 261 5.63 -28.07 -19.36
N GLN B 262 6.33 -28.61 -20.35
CA GLN B 262 5.69 -29.46 -21.34
C GLN B 262 5.15 -30.72 -20.71
N GLU B 263 5.92 -31.37 -19.85
CA GLU B 263 5.40 -32.50 -19.10
C GLU B 263 4.22 -32.08 -18.23
N ILE B 264 4.43 -31.04 -17.43
CA ILE B 264 3.37 -30.56 -16.54
C ILE B 264 2.14 -30.15 -17.35
N TYR B 265 2.32 -29.39 -18.43
CA TYR B 265 1.18 -28.90 -19.21
C TYR B 265 0.37 -29.99 -19.91
N ARG B 266 1.06 -31.03 -20.37
CA ARG B 266 0.43 -32.15 -21.09
C ARG B 266 -0.50 -32.99 -20.24
N ASP B 267 -1.53 -33.54 -20.88
CA ASP B 267 -2.62 -34.22 -20.18
C ASP B 267 -2.85 -35.63 -20.71
N ARG C 4 14.82 8.04 -7.50
CA ARG C 4 14.56 7.93 -6.04
C ARG C 4 13.13 8.29 -5.65
N HIS C 5 12.48 9.17 -6.43
CA HIS C 5 11.11 9.63 -6.15
C HIS C 5 10.23 9.44 -7.37
N LYS C 6 9.87 8.19 -7.63
CA LYS C 6 9.06 7.84 -8.80
C LYS C 6 7.68 8.51 -8.76
N ILE C 7 6.95 8.27 -7.67
CA ILE C 7 5.59 8.76 -7.52
C ILE C 7 5.50 10.27 -7.69
N LEU C 8 6.46 10.99 -7.09
CA LEU C 8 6.43 12.47 -7.08
C LEU C 8 6.67 13.06 -8.47
N HIS C 9 7.65 12.53 -9.19
CA HIS C 9 7.93 12.96 -10.56
C HIS C 9 6.71 12.73 -11.46
N ARG C 10 6.11 11.54 -11.35
CA ARG C 10 4.86 11.22 -12.05
C ARG C 10 3.71 12.16 -11.70
N LEU C 11 3.60 12.55 -10.43
CA LEU C 11 2.50 13.41 -9.98
C LEU C 11 2.49 14.76 -10.67
N LEU C 12 3.67 15.38 -10.73
CA LEU C 12 3.80 16.70 -11.36
C LEU C 12 3.60 16.65 -12.88
N GLN C 13 4.32 15.74 -13.52
CA GLN C 13 4.22 15.54 -14.97
C GLN C 13 2.85 15.01 -15.38
N GLU C 14 2.33 14.06 -14.59
CA GLU C 14 1.02 13.42 -14.84
C GLU C 14 1.11 12.37 -15.94
#